data_3ZTO
#
_entry.id   3ZTO
#
_cell.length_a   43.130
_cell.length_b   101.060
_cell.length_c   62.040
_cell.angle_alpha   90.00
_cell.angle_beta   90.00
_cell.angle_gamma   90.00
#
_symmetry.space_group_name_H-M   'C 2 2 2'
#
loop_
_entity.id
_entity.type
_entity.pdbx_description
1 polymer 'NUCLEOSIDE DIPHOSPHATE KINASE'
2 non-polymer 'SULFATE ION'
3 water water
#
_entity_poly.entity_id   1
_entity_poly.type   'polypeptide(L)'
_entity_poly.pdbx_seq_one_letter_code
;MAVERTLIIVKPDAMEKGALGKILDRFIQEGFQIKALKMFRFTPEKAGEFYYVHRERPFFQELVEFMSSGPVVAAVLEGE
DAIKRVREIIGPTDSEEARKVAPNSIRAQFGTDKGKNAIHASDSPESAQYEICFIFSGLEIV
;
_entity_poly.pdbx_strand_id   A
#
loop_
_chem_comp.id
_chem_comp.type
_chem_comp.name
_chem_comp.formula
SO4 non-polymer 'SULFATE ION' 'O4 S -2'
#
# COMPACT_ATOMS: atom_id res chain seq x y z
N ALA A 2 2.11 7.21 19.35
CA ALA A 2 3.32 7.85 18.84
C ALA A 2 3.09 8.23 17.38
N VAL A 3 3.70 9.33 16.97
CA VAL A 3 3.74 9.69 15.57
C VAL A 3 4.60 8.67 14.84
N GLU A 4 4.04 8.09 13.78
CA GLU A 4 4.69 7.05 13.02
C GLU A 4 4.62 7.34 11.53
N ARG A 5 5.48 6.66 10.76
CA ARG A 5 5.42 6.66 9.30
C ARG A 5 5.11 5.27 8.81
N THR A 6 4.23 5.18 7.83
CA THR A 6 3.92 3.91 7.20
C THR A 6 3.97 4.06 5.68
N LEU A 7 4.14 2.96 4.96
CA LEU A 7 4.15 2.97 3.52
C LEU A 7 2.84 2.38 2.95
N ILE A 8 2.21 3.11 2.03
CA ILE A 8 1.17 2.50 1.22
C ILE A 8 1.65 2.40 -0.22
N ILE A 9 1.17 1.37 -0.89
CA ILE A 9 1.30 1.26 -2.34
C ILE A 9 -0.07 1.01 -2.97
N VAL A 10 -0.48 1.89 -3.89
CA VAL A 10 -1.70 1.69 -4.66
C VAL A 10 -1.38 0.70 -5.78
N LYS A 11 -2.10 -0.42 -5.78
CA LYS A 11 -1.80 -1.55 -6.65
C LYS A 11 -2.39 -1.36 -8.04
N PRO A 12 -1.97 -2.21 -9.01
CA PRO A 12 -2.35 -1.91 -10.39
C PRO A 12 -3.85 -2.02 -10.62
N ASP A 13 -4.56 -2.80 -9.83
CA ASP A 13 -6.01 -2.89 -9.98
C ASP A 13 -6.69 -1.57 -9.67
N ALA A 14 -6.28 -0.92 -8.58
CA ALA A 14 -6.82 0.37 -8.22
C ALA A 14 -6.35 1.46 -9.16
N MET A 15 -5.14 1.35 -9.67
CA MET A 15 -4.65 2.31 -10.63
C MET A 15 -5.54 2.27 -11.85
N GLU A 16 -5.78 1.07 -12.35
CA GLU A 16 -6.58 0.86 -13.56
C GLU A 16 -8.04 1.30 -13.41
N LYS A 17 -8.58 1.20 -12.20
CA LYS A 17 -9.94 1.63 -11.91
C LYS A 17 -10.04 3.15 -11.86
N GLY A 18 -8.91 3.84 -11.80
CA GLY A 18 -8.92 5.29 -11.74
C GLY A 18 -9.07 5.85 -10.33
N ALA A 19 -8.70 5.06 -9.32
CA ALA A 19 -8.95 5.38 -7.91
C ALA A 19 -7.82 6.12 -7.20
N LEU A 20 -6.71 6.36 -7.87
CA LEU A 20 -5.54 6.93 -7.19
C LEU A 20 -5.86 8.21 -6.42
N GLY A 21 -6.53 9.15 -7.07
CA GLY A 21 -6.78 10.43 -6.44
C GLY A 21 -7.72 10.30 -5.27
N LYS A 22 -8.76 9.47 -5.42
CA LYS A 22 -9.72 9.26 -4.34
C LYS A 22 -9.05 8.62 -3.13
N ILE A 23 -8.10 7.71 -3.39
CA ILE A 23 -7.40 7.03 -2.29
C ILE A 23 -6.50 8.03 -1.56
N LEU A 24 -5.72 8.82 -2.30
CA LEU A 24 -4.89 9.81 -1.64
C LEU A 24 -5.73 10.84 -0.89
N ASP A 25 -6.85 11.28 -1.48
CA ASP A 25 -7.74 12.20 -0.80
C ASP A 25 -8.20 11.67 0.55
N ARG A 26 -8.56 10.39 0.60
CA ARG A 26 -9.00 9.80 1.87
C ARG A 26 -7.94 9.91 2.95
N PHE A 27 -6.70 9.55 2.63
CA PHE A 27 -5.68 9.60 3.67
C PHE A 27 -5.38 11.03 4.09
N ILE A 28 -5.45 11.96 3.14
CA ILE A 28 -5.27 13.37 3.49
C ILE A 28 -6.38 13.84 4.44
N GLN A 29 -7.61 13.47 4.14
CA GLN A 29 -8.73 13.93 4.96
C GLN A 29 -8.75 13.28 6.35
N GLU A 30 -8.17 12.08 6.47
CA GLU A 30 -8.01 11.41 7.74
C GLU A 30 -6.88 12.02 8.57
N GLY A 31 -6.16 12.98 7.99
CA GLY A 31 -5.21 13.77 8.76
C GLY A 31 -3.74 13.34 8.64
N PHE A 32 -3.44 12.45 7.70
CA PHE A 32 -2.06 12.05 7.48
C PHE A 32 -1.32 13.03 6.60
N GLN A 33 -0.05 13.22 6.94
CA GLN A 33 0.85 13.99 6.13
C GLN A 33 1.49 13.07 5.11
N ILE A 34 1.42 13.42 3.83
CA ILE A 34 2.16 12.68 2.82
C ILE A 34 3.59 13.22 2.82
N LYS A 35 4.56 12.37 3.19
CA LYS A 35 5.96 12.77 3.28
C LYS A 35 6.78 12.39 2.05
N ALA A 36 6.26 11.49 1.23
CA ALA A 36 6.92 11.09 0.02
C ALA A 36 5.86 10.48 -0.87
N LEU A 37 6.06 10.58 -2.17
CA LEU A 37 5.06 10.11 -3.13
C LEU A 37 5.71 9.94 -4.49
N LYS A 38 5.51 8.79 -5.12
CA LYS A 38 5.92 8.65 -6.49
C LYS A 38 5.31 7.46 -7.20
N MET A 39 5.18 7.62 -8.51
N MET A 39 5.23 7.59 -8.52
CA MET A 39 4.79 6.56 -9.41
CA MET A 39 4.76 6.52 -9.38
C MET A 39 6.07 5.90 -9.90
C MET A 39 5.98 5.90 -10.04
N PHE A 40 6.08 4.58 -9.93
CA PHE A 40 7.22 3.83 -10.44
C PHE A 40 6.70 2.47 -10.88
N ARG A 41 7.57 1.68 -11.48
CA ARG A 41 7.25 0.32 -11.87
C ARG A 41 8.23 -0.65 -11.28
N PHE A 42 7.75 -1.54 -10.41
CA PHE A 42 8.57 -2.64 -9.91
C PHE A 42 8.99 -3.53 -11.06
N THR A 43 10.27 -3.85 -11.14
CA THR A 43 10.68 -5.02 -11.90
C THR A 43 10.28 -6.24 -11.08
N PRO A 44 10.18 -7.40 -11.70
CA PRO A 44 9.88 -8.57 -10.90
C PRO A 44 10.90 -8.82 -9.78
N GLU A 45 12.18 -8.58 -10.07
CA GLU A 45 13.19 -8.74 -9.04
C GLU A 45 12.97 -7.79 -7.86
N LYS A 46 12.69 -6.52 -8.16
CA LYS A 46 12.48 -5.59 -7.07
C LYS A 46 11.21 -5.88 -6.28
N ALA A 47 10.15 -6.34 -6.96
CA ALA A 47 8.95 -6.71 -6.23
C ALA A 47 9.25 -7.87 -5.28
N GLY A 48 10.03 -8.85 -5.75
CA GLY A 48 10.36 -9.98 -4.92
C GLY A 48 11.18 -9.58 -3.70
N GLU A 49 12.05 -8.60 -3.87
CA GLU A 49 12.84 -8.10 -2.73
C GLU A 49 11.96 -7.34 -1.75
N PHE A 50 11.04 -6.54 -2.27
CA PHE A 50 10.14 -5.78 -1.41
C PHE A 50 9.35 -6.72 -0.52
N TYR A 51 8.92 -7.83 -1.12
CA TYR A 51 8.11 -8.83 -0.42
C TYR A 51 8.92 -10.01 0.10
N TYR A 52 10.19 -9.77 0.41
CA TYR A 52 11.12 -10.83 0.81
C TYR A 52 10.59 -11.70 1.94
N VAL A 53 9.98 -11.09 2.93
CA VAL A 53 9.56 -11.85 4.10
C VAL A 53 8.51 -12.91 3.76
N HIS A 54 7.79 -12.72 2.65
CA HIS A 54 6.75 -13.65 2.24
C HIS A 54 7.16 -14.58 1.08
N ARG A 55 8.45 -14.69 0.83
CA ARG A 55 8.94 -15.39 -0.35
C ARG A 55 8.58 -16.88 -0.39
N GLU A 56 8.26 -17.47 0.77
CA GLU A 56 7.95 -18.89 0.82
C GLU A 56 6.46 -19.21 0.75
N ARG A 57 5.64 -18.17 0.65
CA ARG A 57 4.18 -18.35 0.62
C ARG A 57 3.74 -18.85 -0.76
N PRO A 58 2.67 -19.65 -0.80
CA PRO A 58 2.23 -20.25 -2.06
C PRO A 58 1.89 -19.23 -3.15
N PHE A 59 1.43 -18.05 -2.76
CA PHE A 59 0.97 -17.03 -3.70
C PHE A 59 2.08 -16.11 -4.19
N PHE A 60 3.32 -16.38 -3.79
CA PHE A 60 4.38 -15.39 -3.92
C PHE A 60 4.66 -14.99 -5.37
N GLN A 61 4.81 -15.96 -6.27
CA GLN A 61 5.10 -15.62 -7.66
C GLN A 61 3.95 -14.85 -8.29
N GLU A 62 2.72 -15.17 -7.92
CA GLU A 62 1.55 -14.47 -8.44
C GLU A 62 1.54 -13.03 -7.96
N LEU A 63 1.91 -12.85 -6.70
CA LEU A 63 2.00 -11.53 -6.11
C LEU A 63 3.07 -10.70 -6.80
N VAL A 64 4.24 -11.29 -6.99
CA VAL A 64 5.35 -10.59 -7.63
C VAL A 64 4.97 -10.15 -9.04
N GLU A 65 4.33 -11.04 -9.78
N GLU A 65 4.33 -11.03 -9.79
CA GLU A 65 3.92 -10.75 -11.13
CA GLU A 65 3.94 -10.70 -11.16
C GLU A 65 2.88 -9.63 -11.16
C GLU A 65 2.87 -9.62 -11.18
N PHE A 66 1.89 -9.72 -10.29
CA PHE A 66 0.85 -8.72 -10.24
C PHE A 66 1.45 -7.35 -9.89
N MET A 67 2.30 -7.31 -8.88
CA MET A 67 2.82 -6.03 -8.43
C MET A 67 3.87 -5.44 -9.35
N SER A 68 4.32 -6.22 -10.34
CA SER A 68 5.20 -5.70 -11.40
C SER A 68 4.50 -5.62 -12.77
N SER A 69 3.17 -5.76 -12.79
CA SER A 69 2.41 -5.86 -14.03
C SER A 69 2.00 -4.50 -14.61
N GLY A 70 2.18 -3.45 -13.82
CA GLY A 70 1.87 -2.11 -14.26
C GLY A 70 2.42 -1.16 -13.23
N PRO A 71 2.38 0.14 -13.55
CA PRO A 71 2.88 1.11 -12.58
C PRO A 71 2.05 1.14 -11.30
N VAL A 72 2.73 1.47 -10.21
CA VAL A 72 2.11 1.61 -8.91
C VAL A 72 2.48 2.98 -8.34
N VAL A 73 1.77 3.40 -7.31
CA VAL A 73 2.13 4.64 -6.62
C VAL A 73 2.34 4.36 -5.15
N ALA A 74 3.51 4.73 -4.63
CA ALA A 74 3.80 4.59 -3.21
C ALA A 74 3.74 5.93 -2.51
N ALA A 75 3.35 5.91 -1.24
CA ALA A 75 3.38 7.14 -0.46
C ALA A 75 3.78 6.81 0.96
N VAL A 76 4.53 7.70 1.58
CA VAL A 76 4.83 7.60 3.01
C VAL A 76 3.81 8.49 3.72
N LEU A 77 3.07 7.90 4.65
CA LEU A 77 2.08 8.61 5.44
C LEU A 77 2.57 8.73 6.88
N GLU A 78 2.47 9.94 7.43
CA GLU A 78 2.90 10.23 8.79
C GLU A 78 1.72 10.73 9.62
N GLY A 79 1.60 10.19 10.82
CA GLY A 79 0.66 10.71 11.79
C GLY A 79 0.62 9.84 13.03
N GLU A 80 -0.16 10.29 14.01
CA GLU A 80 -0.31 9.53 15.24
C GLU A 80 -0.85 8.12 14.92
N ASP A 81 -0.20 7.10 15.46
CA ASP A 81 -0.65 5.73 15.33
C ASP A 81 -0.87 5.36 13.86
N ALA A 82 -0.04 5.88 12.95
CA ALA A 82 -0.34 5.72 11.52
C ALA A 82 -0.40 4.27 11.06
N ILE A 83 0.49 3.42 11.56
CA ILE A 83 0.55 2.08 11.00
C ILE A 83 -0.80 1.37 11.22
N LYS A 84 -1.30 1.39 12.44
CA LYS A 84 -2.56 0.73 12.71
C LYS A 84 -3.75 1.47 12.12
N ARG A 85 -3.73 2.80 12.17
CA ARG A 85 -4.85 3.57 11.66
C ARG A 85 -5.01 3.41 10.16
N VAL A 86 -3.89 3.37 9.44
CA VAL A 86 -3.96 3.18 8.02
C VAL A 86 -4.52 1.78 7.70
N ARG A 87 -4.12 0.77 8.47
CA ARG A 87 -4.66 -0.59 8.27
C ARG A 87 -6.17 -0.61 8.50
N GLU A 88 -6.66 0.16 9.47
CA GLU A 88 -8.09 0.25 9.71
C GLU A 88 -8.82 0.89 8.52
N ILE A 89 -8.24 1.95 7.98
CA ILE A 89 -8.84 2.68 6.86
C ILE A 89 -8.89 1.79 5.61
N ILE A 90 -7.88 0.94 5.40
CA ILE A 90 -7.88 0.13 4.19
CA ILE A 90 -7.82 0.08 4.22
C ILE A 90 -8.81 -1.07 4.30
N GLY A 91 -9.01 -1.61 5.52
CA GLY A 91 -9.94 -2.69 5.72
C GLY A 91 -9.34 -4.06 5.54
N PRO A 92 -10.16 -5.09 5.74
CA PRO A 92 -9.75 -6.49 5.62
C PRO A 92 -9.10 -6.82 4.28
N THR A 93 -8.16 -7.76 4.33
CA THR A 93 -7.44 -8.23 3.17
C THR A 93 -8.35 -8.61 2.03
N ASP A 94 -9.40 -9.34 2.34
CA ASP A 94 -10.36 -9.77 1.33
C ASP A 94 -11.36 -8.64 1.09
N SER A 95 -11.31 -8.06 -0.10
CA SER A 95 -12.17 -6.91 -0.45
C SER A 95 -13.66 -7.22 -0.27
N GLU A 96 -14.04 -8.49 -0.45
CA GLU A 96 -15.44 -8.85 -0.31
C GLU A 96 -15.86 -8.82 1.17
N GLU A 97 -14.97 -9.29 2.04
CA GLU A 97 -15.20 -9.16 3.48
C GLU A 97 -15.23 -7.69 3.88
N ALA A 98 -14.34 -6.89 3.30
CA ALA A 98 -14.32 -5.45 3.58
C ALA A 98 -15.67 -4.80 3.27
N ARG A 99 -16.31 -5.20 2.18
CA ARG A 99 -17.61 -4.64 1.85
C ARG A 99 -18.65 -4.98 2.89
N LYS A 100 -18.49 -6.12 3.54
CA LYS A 100 -19.46 -6.56 4.53
C LYS A 100 -19.27 -5.86 5.87
N VAL A 101 -18.02 -5.64 6.29
CA VAL A 101 -17.76 -5.12 7.63
C VAL A 101 -17.22 -3.68 7.70
N ALA A 102 -16.71 -3.15 6.58
CA ALA A 102 -16.13 -1.83 6.57
C ALA A 102 -16.41 -1.17 5.22
N PRO A 103 -17.67 -0.76 4.99
CA PRO A 103 -18.08 -0.36 3.63
C PRO A 103 -17.37 0.84 3.06
N ASN A 104 -16.85 1.72 3.90
CA ASN A 104 -16.14 2.90 3.40
C ASN A 104 -14.62 2.69 3.42
N SER A 105 -14.16 1.47 3.63
CA SER A 105 -12.73 1.21 3.63
C SER A 105 -12.21 1.26 2.21
N ILE A 106 -10.91 1.49 2.05
CA ILE A 106 -10.33 1.53 0.73
C ILE A 106 -10.59 0.24 -0.03
N ARG A 107 -10.43 -0.89 0.63
CA ARG A 107 -10.62 -2.15 -0.09
C ARG A 107 -12.09 -2.43 -0.41
N ALA A 108 -13.00 -2.02 0.45
CA ALA A 108 -14.41 -2.16 0.12
C ALA A 108 -14.76 -1.32 -1.10
N GLN A 109 -14.23 -0.10 -1.14
CA GLN A 109 -14.57 0.84 -2.19
C GLN A 109 -13.92 0.52 -3.52
N PHE A 110 -12.67 0.06 -3.46
CA PHE A 110 -11.85 -0.03 -4.69
C PHE A 110 -11.22 -1.40 -4.93
N GLY A 111 -11.32 -2.30 -3.96
CA GLY A 111 -10.84 -3.65 -4.11
C GLY A 111 -11.80 -4.57 -4.85
N THR A 112 -11.27 -5.66 -5.36
CA THR A 112 -12.07 -6.65 -6.07
C THR A 112 -12.20 -7.93 -5.25
N ASP A 113 -11.08 -8.52 -4.86
CA ASP A 113 -11.10 -9.79 -4.13
C ASP A 113 -9.92 -9.82 -3.17
N LYS A 114 -9.35 -10.98 -2.89
CA LYS A 114 -8.22 -11.05 -1.96
C LYS A 114 -6.89 -10.65 -2.61
N GLY A 115 -6.73 -10.93 -3.89
CA GLY A 115 -5.47 -10.64 -4.57
C GLY A 115 -5.45 -9.24 -5.15
N LYS A 116 -6.53 -8.91 -5.86
CA LYS A 116 -6.71 -7.57 -6.38
C LYS A 116 -7.47 -6.82 -5.30
N ASN A 117 -6.73 -6.32 -4.32
CA ASN A 117 -7.33 -5.66 -3.17
C ASN A 117 -6.83 -4.23 -2.99
N ALA A 118 -6.57 -3.59 -4.14
CA ALA A 118 -6.40 -2.14 -4.27
C ALA A 118 -5.11 -1.54 -3.69
N ILE A 119 -4.66 -2.02 -2.54
CA ILE A 119 -3.66 -1.26 -1.78
C ILE A 119 -2.90 -2.17 -0.82
N HIS A 120 -1.61 -1.87 -0.69
CA HIS A 120 -0.73 -2.45 0.31
C HIS A 120 -0.47 -1.42 1.40
N ALA A 121 -0.37 -1.86 2.66
CA ALA A 121 0.16 -0.98 3.71
C ALA A 121 1.07 -1.79 4.61
N SER A 122 2.09 -1.13 5.15
CA SER A 122 3.00 -1.80 6.09
C SER A 122 2.24 -2.43 7.23
N ASP A 123 2.61 -3.64 7.61
CA ASP A 123 1.82 -4.36 8.60
C ASP A 123 2.31 -4.21 10.04
N SER A 124 3.42 -3.51 10.22
CA SER A 124 4.10 -3.43 11.52
C SER A 124 5.17 -2.34 11.47
N PRO A 125 5.69 -1.93 12.64
CA PRO A 125 6.77 -0.93 12.58
C PRO A 125 8.03 -1.49 11.92
N GLU A 126 8.29 -2.79 12.07
CA GLU A 126 9.48 -3.38 11.49
C GLU A 126 9.38 -3.42 9.97
N SER A 127 8.23 -3.81 9.47
CA SER A 127 8.05 -3.80 8.02
C SER A 127 8.01 -2.38 7.49
N ALA A 128 7.42 -1.44 8.23
CA ALA A 128 7.36 -0.07 7.76
C ALA A 128 8.77 0.49 7.56
N GLN A 129 9.67 0.20 8.50
CA GLN A 129 11.02 0.70 8.41
C GLN A 129 11.69 0.21 7.12
N TYR A 130 11.56 -1.10 6.88
CA TYR A 130 12.13 -1.74 5.70
C TYR A 130 11.51 -1.24 4.41
N GLU A 131 10.19 -1.18 4.39
CA GLU A 131 9.46 -0.83 3.18
C GLU A 131 9.68 0.61 2.78
N ILE A 132 9.69 1.52 3.74
CA ILE A 132 9.88 2.92 3.39
C ILE A 132 11.26 3.09 2.75
N CYS A 133 12.32 2.53 3.36
CA CYS A 133 13.65 2.61 2.82
CA CYS A 133 13.64 2.64 2.78
C CYS A 133 13.77 1.89 1.47
N PHE A 134 12.98 0.84 1.29
CA PHE A 134 13.08 0.14 0.02
C PHE A 134 12.66 1.03 -1.14
N ILE A 135 11.64 1.86 -0.93
CA ILE A 135 11.06 2.66 -2.00
C ILE A 135 11.62 4.09 -2.06
N PHE A 136 11.87 4.68 -0.89
CA PHE A 136 12.27 6.09 -0.81
C PHE A 136 13.54 6.28 0.02
N SER A 137 14.49 7.05 -0.50
CA SER A 137 15.62 7.49 0.31
C SER A 137 15.19 8.66 1.20
N GLY A 138 16.03 8.97 2.16
CA GLY A 138 15.84 10.14 2.99
C GLY A 138 15.79 11.42 2.17
N LEU A 139 16.48 11.44 1.04
CA LEU A 139 16.49 12.62 0.18
C LEU A 139 15.10 12.85 -0.44
N GLU A 140 14.30 11.80 -0.56
CA GLU A 140 12.95 11.88 -1.17
C GLU A 140 11.84 12.19 -0.17
N ILE A 141 12.17 12.25 1.12
CA ILE A 141 11.19 12.57 2.11
CA ILE A 141 11.23 12.59 2.18
C ILE A 141 11.23 14.09 2.33
N VAL A 142 10.10 14.75 2.07
CA VAL A 142 10.06 16.20 2.05
C VAL A 142 8.81 16.71 2.77
S SO4 B . 0.26 -7.03 0.04
O1 SO4 B . 0.28 -8.43 -0.34
O2 SO4 B . -1.10 -6.60 0.35
O3 SO4 B . 1.05 -6.85 1.26
O4 SO4 B . 0.78 -6.20 -1.02
S SO4 C . -3.24 -6.98 4.87
O1 SO4 C . -2.41 -7.32 6.02
O2 SO4 C . -2.81 -5.69 4.37
O3 SO4 C . -3.10 -8.01 3.84
O4 SO4 C . -4.62 -6.84 5.32
#